data_4ZI5
#
_entry.id   4ZI5
#
_cell.length_a   55.613
_cell.length_b   73.414
_cell.length_c   113.057
_cell.angle_alpha   90.00
_cell.angle_beta   90.00
_cell.angle_gamma   90.00
#
_symmetry.space_group_name_H-M   'P 21 21 21'
#
loop_
_entity.id
_entity.type
_entity.pdbx_description
1 polymer P91
2 non-polymer 'MAGNESIUM ION'
3 non-polymer 'CHLORIDE ION'
4 water water
#
_entity_poly.entity_id   1
_entity_poly.type   'polypeptide(L)'
_entity_poly.pdbx_seq_one_letter_code
;MASWSHPQFEKGAMTARKVDYTDGATRCIGEFHWDEGKSGPRPGVVVFPEAFGLNDHAKERARRLADLGFAALAADMHGD
AQVFDAASLSSTIQGYYGDRAHWRRRAQAALDALTAQPEVDGSKVAAIGFCFGGATCLELARTGAPLTAIVTFHGGLLPE
MAGDAGRIQSSVLVCHGADDPLVQDETMKAVMDEFRRDKVDWQVLYLGNAVHSFTDPLAGSHGIPGLAYDATAEARSWTA
MCNLFSELFG
;
_entity_poly.pdbx_strand_id   A,B
#
loop_
_chem_comp.id
_chem_comp.type
_chem_comp.name
_chem_comp.formula
CL non-polymer 'CHLORIDE ION' 'Cl -1'
MG non-polymer 'MAGNESIUM ION' 'Mg 2'
#
# COMPACT_ATOMS: atom_id res chain seq x y z
N GLY A 12 32.16 2.59 1.00
CA GLY A 12 31.22 3.58 0.38
C GLY A 12 30.28 3.06 -0.69
N ALA A 13 30.73 3.10 -1.95
CA ALA A 13 29.83 2.98 -3.10
C ALA A 13 29.52 1.51 -3.48
N MET A 14 28.39 1.32 -4.15
CA MET A 14 28.01 0.02 -4.66
C MET A 14 28.83 -0.29 -5.91
N THR A 15 28.96 -1.57 -6.25
CA THR A 15 29.69 -1.96 -7.47
C THR A 15 28.76 -2.65 -8.43
N ALA A 16 29.15 -2.66 -9.71
CA ALA A 16 28.37 -3.33 -10.73
C ALA A 16 29.30 -4.07 -11.67
N ARG A 17 28.79 -5.13 -12.29
CA ARG A 17 29.56 -5.86 -13.29
C ARG A 17 28.61 -6.43 -14.31
N LYS A 18 29.12 -6.60 -15.55
CA LYS A 18 28.32 -7.21 -16.60
C LYS A 18 28.22 -8.71 -16.40
N VAL A 19 27.05 -9.26 -16.71
CA VAL A 19 26.82 -10.70 -16.68
C VAL A 19 26.27 -11.14 -18.03
N ASP A 20 27.04 -11.99 -18.72
CA ASP A 20 26.62 -12.62 -19.97
C ASP A 20 25.78 -13.86 -19.67
N TYR A 21 24.64 -13.99 -20.32
CA TYR A 21 23.85 -15.20 -20.22
C TYR A 21 23.08 -15.40 -21.52
N THR A 22 22.49 -16.57 -21.71
CA THR A 22 21.81 -16.90 -22.96
C THR A 22 20.40 -17.43 -22.73
N ASP A 23 19.54 -17.21 -23.70
CA ASP A 23 18.26 -17.86 -23.79
C ASP A 23 18.21 -18.45 -25.20
N GLY A 24 18.49 -19.74 -25.32
CA GLY A 24 18.63 -20.36 -26.65
C GLY A 24 19.71 -19.67 -27.47
N ALA A 25 19.35 -19.16 -28.64
CA ALA A 25 20.31 -18.46 -29.51
C ALA A 25 20.52 -16.99 -29.14
N THR A 26 19.75 -16.45 -28.20
CA THR A 26 19.85 -15.03 -27.87
C THR A 26 20.85 -14.83 -26.76
N ARG A 27 21.85 -13.97 -26.97
CA ARG A 27 22.84 -13.65 -25.94
C ARG A 27 22.42 -12.38 -25.23
N CYS A 28 22.37 -12.46 -23.91
CA CYS A 28 21.94 -11.35 -23.08
C CYS A 28 23.11 -10.82 -22.25
N ILE A 29 23.08 -9.52 -22.00
CA ILE A 29 24.09 -8.87 -21.18
C ILE A 29 23.41 -8.06 -20.10
N GLY A 30 23.27 -8.66 -18.93
CA GLY A 30 22.70 -7.95 -17.78
C GLY A 30 23.77 -7.23 -16.98
N GLU A 31 23.35 -6.47 -15.98
CA GLU A 31 24.27 -5.78 -15.08
C GLU A 31 23.92 -6.09 -13.65
N PHE A 32 24.90 -6.63 -12.92
CA PHE A 32 24.75 -7.16 -11.58
C PHE A 32 25.34 -6.16 -10.59
N HIS A 33 24.51 -5.79 -9.59
CA HIS A 33 24.87 -4.81 -8.57
C HIS A 33 24.93 -5.44 -7.19
N TRP A 34 26.01 -5.15 -6.47
CA TRP A 34 26.15 -5.64 -5.10
C TRP A 34 27.07 -4.71 -4.29
N ASP A 35 26.95 -4.83 -2.97
CA ASP A 35 27.85 -4.12 -2.04
C ASP A 35 29.04 -5.02 -1.73
N GLU A 36 30.23 -4.64 -2.21
CA GLU A 36 31.49 -5.35 -1.87
C GLU A 36 31.83 -5.27 -0.38
N GLY A 37 31.30 -4.25 0.30
CA GLY A 37 31.46 -4.11 1.76
C GLY A 37 30.75 -5.18 2.58
N LYS A 38 29.75 -5.83 1.99
CA LYS A 38 29.04 -6.93 2.61
C LYS A 38 29.57 -8.26 2.10
N SER A 39 29.83 -9.19 3.01
CA SER A 39 30.39 -10.48 2.65
C SER A 39 29.32 -11.58 2.72
N GLY A 40 29.39 -12.52 1.79
CA GLY A 40 28.57 -13.74 1.87
C GLY A 40 27.24 -13.67 1.12
N PRO A 41 26.50 -14.78 1.09
CA PRO A 41 25.28 -14.83 0.29
C PRO A 41 24.23 -13.89 0.86
N ARG A 42 23.39 -13.37 -0.02
CA ARG A 42 22.36 -12.41 0.39
C ARG A 42 21.18 -12.54 -0.53
N PRO A 43 20.01 -12.02 -0.13
CA PRO A 43 18.90 -12.14 -1.07
C PRO A 43 19.17 -11.46 -2.42
N GLY A 44 18.68 -12.10 -3.49
CA GLY A 44 18.84 -11.65 -4.87
C GLY A 44 17.54 -11.12 -5.45
N VAL A 45 17.64 -10.06 -6.26
CA VAL A 45 16.49 -9.46 -6.93
C VAL A 45 16.80 -9.28 -8.43
N VAL A 46 15.92 -9.81 -9.27
N VAL A 46 15.93 -9.81 -9.28
CA VAL A 46 15.98 -9.48 -10.70
CA VAL A 46 16.01 -9.51 -10.71
C VAL A 46 15.18 -8.22 -10.95
C VAL A 46 15.18 -8.26 -10.98
N VAL A 47 15.75 -7.30 -11.73
CA VAL A 47 15.09 -6.04 -12.06
C VAL A 47 14.76 -6.10 -13.53
N PHE A 48 13.47 -6.17 -13.87
CA PHE A 48 13.03 -6.17 -15.25
C PHE A 48 12.73 -4.74 -15.73
N PRO A 49 13.42 -4.27 -16.78
CA PRO A 49 13.20 -2.90 -17.22
C PRO A 49 11.90 -2.66 -17.97
N GLU A 50 11.66 -1.39 -18.28
CA GLU A 50 10.58 -1.04 -19.18
C GLU A 50 10.87 -1.59 -20.57
N ALA A 51 9.86 -1.51 -21.42
CA ALA A 51 9.92 -2.00 -22.80
C ALA A 51 11.10 -1.47 -23.62
N PHE A 52 11.56 -0.27 -23.30
CA PHE A 52 12.68 0.33 -24.02
C PHE A 52 13.89 -0.59 -23.97
N GLY A 53 14.07 -1.26 -22.82
CA GLY A 53 15.21 -2.16 -22.62
C GLY A 53 16.06 -1.78 -21.43
N LEU A 54 17.18 -2.46 -21.32
CA LEU A 54 18.12 -2.25 -20.22
C LEU A 54 18.71 -0.84 -20.29
N ASN A 55 18.28 0.03 -19.38
CA ASN A 55 18.63 1.46 -19.46
C ASN A 55 19.09 2.02 -18.12
N ASP A 56 19.38 3.31 -18.05
CA ASP A 56 19.91 3.88 -16.82
C ASP A 56 18.91 3.79 -15.67
N HIS A 57 17.63 3.94 -15.96
CA HIS A 57 16.59 3.84 -14.95
C HIS A 57 16.66 2.46 -14.25
N ALA A 58 16.77 1.40 -15.04
CA ALA A 58 16.74 0.05 -14.44
C ALA A 58 18.00 -0.20 -13.64
N LYS A 59 19.13 0.25 -14.19
CA LYS A 59 20.41 0.09 -13.52
C LYS A 59 20.46 0.84 -12.18
N GLU A 60 19.86 2.02 -12.13
CA GLU A 60 19.79 2.79 -10.88
C GLU A 60 18.97 2.08 -9.82
N ARG A 61 17.88 1.44 -10.22
CA ARG A 61 17.08 0.67 -9.27
C ARG A 61 17.84 -0.53 -8.72
N ALA A 62 18.62 -1.18 -9.58
CA ALA A 62 19.49 -2.28 -9.12
C ALA A 62 20.54 -1.74 -8.15
N ARG A 63 21.10 -0.58 -8.43
CA ARG A 63 22.06 0.05 -7.51
C ARG A 63 21.41 0.34 -6.15
N ARG A 64 20.21 0.91 -6.18
CA ARG A 64 19.49 1.20 -4.93
C ARG A 64 19.20 -0.07 -4.12
N LEU A 65 18.83 -1.15 -4.80
CA LEU A 65 18.69 -2.45 -4.16
C LEU A 65 19.99 -2.97 -3.52
N ALA A 66 21.12 -2.83 -4.21
CA ALA A 66 22.42 -3.21 -3.63
C ALA A 66 22.69 -2.40 -2.32
N ASP A 67 22.35 -1.12 -2.34
CA ASP A 67 22.46 -0.25 -1.15
C ASP A 67 21.54 -0.68 0.00
N LEU A 68 20.44 -1.38 -0.30
CA LEU A 68 19.56 -1.97 0.72
C LEU A 68 20.02 -3.33 1.21
N GLY A 69 21.16 -3.82 0.72
CA GLY A 69 21.73 -5.09 1.15
C GLY A 69 21.42 -6.28 0.25
N PHE A 70 20.85 -6.06 -0.93
CA PHE A 70 20.53 -7.13 -1.86
C PHE A 70 21.59 -7.27 -2.95
N ALA A 71 21.55 -8.38 -3.65
CA ALA A 71 22.32 -8.57 -4.87
C ALA A 71 21.31 -8.47 -6.01
N ALA A 72 21.53 -7.57 -6.95
CA ALA A 72 20.47 -7.23 -7.93
C ALA A 72 20.97 -7.31 -9.35
N LEU A 73 20.25 -8.04 -10.20
CA LEU A 73 20.56 -8.11 -11.62
C LEU A 73 19.55 -7.34 -12.45
N ALA A 74 20.04 -6.29 -13.08
CA ALA A 74 19.26 -5.57 -14.10
C ALA A 74 19.29 -6.40 -15.37
N ALA A 75 18.11 -6.93 -15.72
CA ALA A 75 17.97 -7.93 -16.76
C ALA A 75 18.02 -7.30 -18.16
N ASP A 76 18.55 -8.08 -19.11
CA ASP A 76 18.48 -7.77 -20.52
C ASP A 76 17.46 -8.70 -21.16
N MET A 77 16.23 -8.22 -21.37
CA MET A 77 15.21 -9.06 -22.03
C MET A 77 15.41 -9.16 -23.54
N HIS A 78 15.80 -8.04 -24.17
CA HIS A 78 15.87 -7.98 -25.62
C HIS A 78 17.05 -8.72 -26.21
N GLY A 79 18.15 -8.83 -25.48
CA GLY A 79 19.37 -9.44 -26.01
C GLY A 79 20.31 -8.39 -26.57
N ASP A 80 21.60 -8.68 -26.49
CA ASP A 80 22.67 -7.75 -26.89
C ASP A 80 22.58 -6.36 -26.21
N ALA A 81 22.02 -6.33 -25.00
CA ALA A 81 21.74 -5.08 -24.29
C ALA A 81 21.02 -4.02 -25.13
N GLN A 82 20.13 -4.45 -26.04
CA GLN A 82 19.49 -3.52 -26.97
C GLN A 82 18.50 -2.61 -26.27
N VAL A 83 18.49 -1.35 -26.70
CA VAL A 83 17.53 -0.37 -26.23
C VAL A 83 16.78 0.14 -27.47
N PHE A 84 15.46 0.27 -27.36
CA PHE A 84 14.62 0.85 -28.41
C PHE A 84 14.04 2.17 -27.92
N ASP A 85 13.79 3.10 -28.85
CA ASP A 85 12.95 4.26 -28.54
C ASP A 85 11.50 3.93 -28.79
N ALA A 86 10.61 4.85 -28.42
CA ALA A 86 9.16 4.72 -28.60
C ALA A 86 8.75 4.29 -30.01
N ALA A 87 9.43 4.83 -31.01
CA ALA A 87 9.14 4.55 -32.41
C ALA A 87 9.39 3.10 -32.81
N SER A 88 10.52 2.54 -32.38
CA SER A 88 11.06 1.27 -32.92
C SER A 88 10.77 0.04 -32.07
N LEU A 89 9.69 0.08 -31.29
CA LEU A 89 9.54 -0.77 -30.10
C LEU A 89 8.68 -2.02 -30.26
N SER A 90 7.74 -2.00 -31.20
CA SER A 90 6.65 -2.99 -31.26
C SER A 90 7.09 -4.38 -31.71
N SER A 91 7.94 -4.46 -32.73
CA SER A 91 8.38 -5.78 -33.21
C SER A 91 8.90 -6.69 -32.08
N THR A 92 9.63 -6.12 -31.13
CA THR A 92 10.08 -6.86 -29.96
C THR A 92 8.92 -7.10 -29.00
N ILE A 93 8.18 -6.05 -28.66
CA ILE A 93 7.15 -6.16 -27.61
C ILE A 93 5.96 -7.05 -27.98
N GLN A 94 5.55 -7.00 -29.24
CA GLN A 94 4.47 -7.87 -29.73
C GLN A 94 4.95 -9.29 -29.84
N GLY A 95 6.24 -9.47 -30.12
CA GLY A 95 6.89 -10.75 -30.01
C GLY A 95 6.60 -11.46 -28.69
N TYR A 96 6.69 -10.70 -27.60
CA TYR A 96 6.48 -11.25 -26.27
C TYR A 96 4.99 -11.54 -26.03
N TYR A 97 4.11 -10.59 -26.34
CA TYR A 97 2.69 -10.78 -26.08
C TYR A 97 2.11 -11.93 -26.92
N GLY A 98 2.62 -12.09 -28.15
CA GLY A 98 2.16 -13.16 -29.04
C GLY A 98 2.76 -14.54 -28.78
N ASP A 99 3.73 -14.64 -27.85
CA ASP A 99 4.33 -15.91 -27.49
C ASP A 99 4.81 -15.83 -26.04
N ARG A 100 3.86 -16.06 -25.14
CA ARG A 100 4.10 -15.90 -23.71
C ARG A 100 5.06 -16.95 -23.15
N ALA A 101 5.07 -18.14 -23.77
CA ALA A 101 6.06 -19.14 -23.41
C ALA A 101 7.51 -18.65 -23.65
N HIS A 102 7.72 -18.01 -24.79
CA HIS A 102 9.02 -17.42 -25.13
C HIS A 102 9.38 -16.29 -24.16
N TRP A 103 8.40 -15.44 -23.89
CA TRP A 103 8.54 -14.36 -22.92
C TRP A 103 8.99 -14.87 -21.55
N ARG A 104 8.32 -15.93 -21.12
CA ARG A 104 8.65 -16.59 -19.86
C ARG A 104 10.04 -17.21 -19.81
N ARG A 105 10.47 -17.82 -20.91
CA ARG A 105 11.81 -18.39 -20.97
C ARG A 105 12.87 -17.30 -20.89
N ARG A 106 12.62 -16.18 -21.55
CA ARG A 106 13.52 -15.06 -21.52
C ARG A 106 13.66 -14.47 -20.11
N ALA A 107 12.55 -14.38 -19.40
CA ALA A 107 12.55 -13.98 -17.98
C ALA A 107 13.26 -14.99 -17.06
N GLN A 108 12.97 -16.28 -17.22
CA GLN A 108 13.65 -17.32 -16.47
C GLN A 108 15.18 -17.29 -16.66
N ALA A 109 15.64 -16.97 -17.87
CA ALA A 109 17.08 -16.88 -18.14
C ALA A 109 17.72 -15.80 -17.26
N ALA A 110 17.02 -14.68 -17.05
CA ALA A 110 17.52 -13.61 -16.15
C ALA A 110 17.57 -14.12 -14.71
N LEU A 111 16.51 -14.81 -14.28
CA LEU A 111 16.51 -15.38 -12.94
C LEU A 111 17.63 -16.40 -12.74
N ASP A 112 17.86 -17.26 -13.74
CA ASP A 112 19.03 -18.17 -13.69
C ASP A 112 20.37 -17.42 -13.63
N ALA A 113 20.52 -16.33 -14.39
CA ALA A 113 21.74 -15.55 -14.34
C ALA A 113 21.97 -14.89 -12.95
N LEU A 114 20.90 -14.39 -12.35
CA LEU A 114 20.97 -13.94 -10.96
C LEU A 114 21.47 -15.02 -10.01
N THR A 115 20.81 -16.17 -10.04
CA THR A 115 21.07 -17.26 -9.08
C THR A 115 22.46 -17.90 -9.29
N ALA A 116 22.99 -17.79 -10.50
CA ALA A 116 24.37 -18.15 -10.80
C ALA A 116 25.44 -17.35 -10.07
N GLN A 117 25.12 -16.15 -9.57
CA GLN A 117 26.15 -15.32 -8.98
C GLN A 117 26.40 -15.77 -7.55
N PRO A 118 27.70 -15.93 -7.16
CA PRO A 118 27.97 -16.49 -5.82
C PRO A 118 27.54 -15.65 -4.60
N GLU A 119 27.27 -14.36 -4.81
CA GLU A 119 26.75 -13.49 -3.78
C GLU A 119 25.27 -13.71 -3.46
N VAL A 120 24.57 -14.49 -4.28
CA VAL A 120 23.12 -14.69 -4.15
C VAL A 120 22.81 -15.97 -3.40
N ASP A 121 22.00 -15.83 -2.36
CA ASP A 121 21.30 -16.93 -1.69
C ASP A 121 20.12 -17.34 -2.58
N GLY A 122 20.29 -18.47 -3.27
CA GLY A 122 19.30 -18.95 -4.24
C GLY A 122 17.94 -19.27 -3.65
N SER A 123 17.88 -19.47 -2.34
CA SER A 123 16.62 -19.74 -1.65
C SER A 123 15.83 -18.45 -1.39
N LYS A 124 16.47 -17.30 -1.53
CA LYS A 124 15.87 -15.99 -1.20
C LYS A 124 16.00 -15.07 -2.41
N VAL A 125 15.11 -15.28 -3.39
CA VAL A 125 15.12 -14.46 -4.58
C VAL A 125 13.76 -13.82 -4.86
N ALA A 126 13.80 -12.64 -5.46
CA ALA A 126 12.59 -11.90 -5.80
C ALA A 126 12.78 -11.23 -7.15
N ALA A 127 11.71 -10.63 -7.67
CA ALA A 127 11.80 -9.90 -8.92
C ALA A 127 10.94 -8.65 -8.83
N ILE A 128 11.47 -7.58 -9.35
CA ILE A 128 10.69 -6.37 -9.51
C ILE A 128 10.69 -6.01 -10.99
N GLY A 129 9.71 -5.23 -11.39
CA GLY A 129 9.69 -4.75 -12.75
C GLY A 129 8.86 -3.52 -12.99
N PHE A 130 9.23 -2.81 -14.05
CA PHE A 130 8.64 -1.51 -14.40
C PHE A 130 7.98 -1.61 -15.76
N CYS A 131 6.68 -1.30 -15.80
N CYS A 131 6.67 -1.31 -15.81
CA CYS A 131 5.89 -1.33 -17.04
CA CYS A 131 5.88 -1.38 -17.07
C CYS A 131 5.88 -2.75 -17.64
C CYS A 131 5.86 -2.77 -17.65
N PHE A 132 6.37 -2.94 -18.87
CA PHE A 132 6.57 -4.29 -19.44
C PHE A 132 7.33 -5.23 -18.49
N GLY A 133 8.29 -4.69 -17.75
CA GLY A 133 9.01 -5.48 -16.74
C GLY A 133 8.14 -5.92 -15.58
N GLY A 134 7.14 -5.12 -15.21
CA GLY A 134 6.16 -5.54 -14.26
C GLY A 134 5.32 -6.69 -14.77
N ALA A 135 4.83 -6.57 -15.99
CA ALA A 135 4.10 -7.68 -16.63
C ALA A 135 4.97 -8.94 -16.69
N THR A 136 6.27 -8.76 -16.95
CA THR A 136 7.23 -9.85 -17.01
C THR A 136 7.32 -10.59 -15.66
N CYS A 137 7.35 -9.84 -14.57
CA CYS A 137 7.41 -10.45 -13.22
C CYS A 137 6.23 -11.37 -12.98
N LEU A 138 5.06 -10.93 -13.42
CA LEU A 138 3.84 -11.73 -13.23
C LEU A 138 3.85 -12.98 -14.13
N GLU A 139 4.29 -12.84 -15.38
CA GLU A 139 4.48 -14.01 -16.26
C GLU A 139 5.43 -15.02 -15.64
N LEU A 140 6.56 -14.54 -15.14
CA LEU A 140 7.55 -15.42 -14.52
C LEU A 140 7.00 -16.12 -13.28
N ALA A 141 6.31 -15.37 -12.42
CA ALA A 141 5.67 -15.99 -11.24
C ALA A 141 4.66 -17.05 -11.63
N ARG A 142 3.91 -16.83 -12.72
CA ARG A 142 2.93 -17.81 -13.20
C ARG A 142 3.52 -19.14 -13.71
N THR A 143 4.82 -19.19 -13.99
CA THR A 143 5.51 -20.45 -14.29
C THR A 143 5.72 -21.32 -13.06
N GLY A 144 5.50 -20.79 -11.86
CA GLY A 144 5.79 -21.47 -10.61
C GLY A 144 7.21 -21.28 -10.16
N ALA A 145 7.92 -20.30 -10.72
CA ALA A 145 9.28 -20.07 -10.28
C ALA A 145 9.38 -19.85 -8.77
N PRO A 146 10.47 -20.31 -8.13
CA PRO A 146 10.60 -20.25 -6.66
C PRO A 146 11.01 -18.86 -6.14
N LEU A 147 10.19 -17.88 -6.48
CA LEU A 147 10.36 -16.51 -6.03
C LEU A 147 9.65 -16.29 -4.71
N THR A 148 10.35 -15.60 -3.81
CA THR A 148 9.75 -15.15 -2.54
C THR A 148 8.71 -14.03 -2.74
N ALA A 149 8.99 -13.12 -3.65
CA ALA A 149 8.15 -11.97 -3.86
C ALA A 149 8.36 -11.44 -5.27
N ILE A 150 7.29 -10.93 -5.85
CA ILE A 150 7.38 -10.01 -6.98
C ILE A 150 6.73 -8.69 -6.60
N VAL A 151 7.27 -7.62 -7.19
CA VAL A 151 6.70 -6.27 -7.05
C VAL A 151 6.68 -5.62 -8.43
N THR A 152 5.49 -5.22 -8.87
CA THR A 152 5.32 -4.56 -10.16
C THR A 152 5.09 -3.06 -9.92
N PHE A 153 5.70 -2.25 -10.77
CA PHE A 153 5.54 -0.82 -10.74
C PHE A 153 4.96 -0.40 -12.08
N HIS A 154 3.75 0.16 -12.07
CA HIS A 154 3.02 0.53 -13.29
C HIS A 154 3.14 -0.51 -14.37
N GLY A 155 2.90 -1.76 -14.00
CA GLY A 155 2.91 -2.86 -14.92
C GLY A 155 1.63 -3.04 -15.71
N GLY A 156 1.80 -3.25 -17.00
CA GLY A 156 0.67 -3.51 -17.90
C GLY A 156 0.39 -5.00 -17.86
N LEU A 157 -0.23 -5.42 -16.78
CA LEU A 157 -0.45 -6.81 -16.49
C LEU A 157 -1.41 -7.46 -17.49
N LEU A 158 -1.20 -8.73 -17.78
CA LEU A 158 -2.11 -9.53 -18.61
C LEU A 158 -2.92 -10.49 -17.75
N PRO A 159 -4.16 -10.80 -18.16
CA PRO A 159 -4.82 -11.95 -17.54
C PRO A 159 -4.02 -13.22 -17.78
N GLU A 160 -4.21 -14.18 -16.89
CA GLU A 160 -3.41 -15.42 -16.93
C GLU A 160 -3.72 -16.25 -18.21
N MET A 161 -2.81 -17.15 -18.55
CA MET A 161 -3.05 -18.19 -19.56
C MET A 161 -3.77 -19.39 -18.96
N ALA A 162 -4.60 -20.07 -19.75
CA ALA A 162 -5.13 -21.38 -19.34
C ALA A 162 -3.98 -22.27 -18.89
N GLY A 163 -4.12 -22.89 -17.72
CA GLY A 163 -3.06 -23.71 -17.12
C GLY A 163 -2.21 -23.01 -16.07
N ASP A 164 -2.35 -21.69 -15.93
CA ASP A 164 -1.60 -20.93 -14.92
C ASP A 164 -2.14 -21.05 -13.49
N ALA A 165 -3.40 -21.47 -13.33
CA ALA A 165 -4.04 -21.47 -12.02
C ALA A 165 -3.23 -22.21 -10.96
N GLY A 166 -3.08 -21.59 -9.79
CA GLY A 166 -2.44 -22.20 -8.65
C GLY A 166 -0.90 -22.17 -8.66
N ARG A 167 -0.28 -21.64 -9.71
CA ARG A 167 1.16 -21.80 -9.85
C ARG A 167 2.01 -20.75 -9.15
N ILE A 168 1.45 -19.57 -8.89
CA ILE A 168 2.28 -18.54 -8.26
C ILE A 168 2.67 -18.97 -6.85
N GLN A 169 3.97 -19.01 -6.56
N GLN A 169 3.98 -18.98 -6.58
CA GLN A 169 4.41 -19.31 -5.18
CA GLN A 169 4.51 -19.28 -5.26
C GLN A 169 4.91 -18.05 -4.43
C GLN A 169 4.90 -18.04 -4.45
N SER A 170 5.05 -16.91 -5.12
CA SER A 170 5.57 -15.71 -4.49
C SER A 170 4.48 -14.89 -3.87
N SER A 171 4.86 -14.09 -2.88
N SER A 171 4.86 -14.09 -2.88
CA SER A 171 4.07 -12.92 -2.50
CA SER A 171 4.08 -12.92 -2.50
C SER A 171 3.99 -12.01 -3.72
C SER A 171 4.00 -12.00 -3.71
N VAL A 172 2.89 -11.25 -3.81
CA VAL A 172 2.69 -10.31 -4.95
C VAL A 172 2.30 -8.95 -4.38
N LEU A 173 3.06 -7.91 -4.76
CA LEU A 173 2.67 -6.53 -4.54
C LEU A 173 2.61 -5.81 -5.90
N VAL A 174 1.43 -5.32 -6.24
CA VAL A 174 1.20 -4.56 -7.48
C VAL A 174 1.08 -3.07 -7.10
N CYS A 175 2.00 -2.23 -7.57
CA CYS A 175 1.93 -0.79 -7.34
C CYS A 175 1.42 -0.16 -8.63
N HIS A 176 0.20 0.39 -8.57
CA HIS A 176 -0.56 0.80 -9.75
C HIS A 176 -0.84 2.30 -9.68
N GLY A 177 -0.58 2.99 -10.78
CA GLY A 177 -0.98 4.39 -10.92
C GLY A 177 -2.49 4.44 -11.13
N ALA A 178 -3.22 5.07 -10.21
CA ALA A 178 -4.67 5.00 -10.19
C ALA A 178 -5.33 5.63 -11.41
N ASP A 179 -4.62 6.54 -12.07
CA ASP A 179 -5.15 7.20 -13.28
C ASP A 179 -4.47 6.72 -14.57
N ASP A 180 -3.73 5.62 -14.50
CA ASP A 180 -2.98 5.10 -15.64
C ASP A 180 -3.97 4.68 -16.75
N PRO A 181 -3.94 5.35 -17.91
CA PRO A 181 -4.90 5.04 -18.96
C PRO A 181 -4.54 3.81 -19.79
N LEU A 182 -3.35 3.25 -19.60
CA LEU A 182 -2.90 2.13 -20.41
C LEU A 182 -3.27 0.78 -19.79
N VAL A 183 -3.84 0.78 -18.59
CA VAL A 183 -4.24 -0.46 -17.91
C VAL A 183 -5.72 -0.36 -17.59
N GLN A 184 -6.51 -1.28 -18.13
CA GLN A 184 -7.97 -1.22 -17.99
C GLN A 184 -8.45 -1.78 -16.63
N ASP A 185 -9.52 -1.19 -16.10
CA ASP A 185 -10.10 -1.62 -14.80
C ASP A 185 -10.44 -3.09 -14.77
N GLU A 186 -10.98 -3.55 -15.89
CA GLU A 186 -11.40 -4.92 -16.08
C GLU A 186 -10.21 -5.87 -15.92
N THR A 187 -9.05 -5.46 -16.43
CA THR A 187 -7.84 -6.27 -16.32
C THR A 187 -7.37 -6.37 -14.87
N MET A 188 -7.33 -5.23 -14.17
CA MET A 188 -6.97 -5.22 -12.75
C MET A 188 -7.89 -6.11 -11.93
N LYS A 189 -9.18 -6.00 -12.17
CA LYS A 189 -10.17 -6.81 -11.47
C LYS A 189 -9.96 -8.31 -11.75
N ALA A 190 -9.74 -8.66 -13.02
CA ALA A 190 -9.52 -10.07 -13.39
C ALA A 190 -8.28 -10.62 -12.68
N VAL A 191 -7.19 -9.85 -12.69
CA VAL A 191 -5.96 -10.33 -12.04
C VAL A 191 -6.15 -10.51 -10.53
N MET A 192 -6.79 -9.53 -9.89
CA MET A 192 -7.07 -9.62 -8.45
C MET A 192 -7.93 -10.86 -8.15
N ASP A 193 -8.88 -11.14 -9.03
CA ASP A 193 -9.76 -12.32 -8.88
C ASP A 193 -8.98 -13.64 -9.00
N GLU A 194 -7.92 -13.65 -9.82
CA GLU A 194 -7.01 -14.82 -9.89
C GLU A 194 -6.30 -14.98 -8.57
N PHE A 195 -5.78 -13.86 -8.03
CA PHE A 195 -5.09 -13.92 -6.75
C PHE A 195 -6.00 -14.40 -5.61
N ARG A 196 -7.24 -13.90 -5.60
N ARG A 196 -7.24 -13.90 -5.60
CA ARG A 196 -8.26 -14.34 -4.62
CA ARG A 196 -8.26 -14.34 -4.62
C ARG A 196 -8.54 -15.84 -4.73
C ARG A 196 -8.54 -15.84 -4.73
N ARG A 197 -8.81 -16.28 -5.95
CA ARG A 197 -9.10 -17.71 -6.23
C ARG A 197 -8.03 -18.64 -5.67
N ASP A 198 -6.77 -18.25 -5.88
CA ASP A 198 -5.62 -19.08 -5.53
C ASP A 198 -5.06 -18.81 -4.15
N LYS A 199 -5.61 -17.81 -3.46
CA LYS A 199 -5.17 -17.39 -2.14
C LYS A 199 -3.70 -17.03 -2.09
N VAL A 200 -3.25 -16.36 -3.13
CA VAL A 200 -1.90 -15.80 -3.21
C VAL A 200 -1.77 -14.80 -2.07
N ASP A 201 -0.58 -14.65 -1.51
CA ASP A 201 -0.28 -13.55 -0.59
C ASP A 201 -0.10 -12.27 -1.40
N TRP A 202 -1.19 -11.51 -1.56
CA TRP A 202 -1.22 -10.41 -2.49
C TRP A 202 -1.61 -9.08 -1.87
N GLN A 203 -1.09 -8.01 -2.49
CA GLN A 203 -1.54 -6.66 -2.24
C GLN A 203 -1.60 -5.91 -3.55
N VAL A 204 -2.54 -4.97 -3.65
CA VAL A 204 -2.52 -3.97 -4.74
C VAL A 204 -2.60 -2.60 -4.11
N LEU A 205 -1.63 -1.74 -4.43
CA LEU A 205 -1.56 -0.40 -3.93
C LEU A 205 -1.86 0.53 -5.09
N TYR A 206 -3.04 1.15 -5.01
CA TYR A 206 -3.46 2.21 -5.90
C TYR A 206 -2.87 3.53 -5.43
N LEU A 207 -2.12 4.16 -6.33
CA LEU A 207 -1.48 5.43 -6.04
C LEU A 207 -2.19 6.55 -6.75
N GLY A 208 -2.90 7.38 -5.99
CA GLY A 208 -3.66 8.47 -6.59
C GLY A 208 -2.78 9.45 -7.36
N ASN A 209 -3.35 10.03 -8.41
CA ASN A 209 -2.72 11.10 -9.21
C ASN A 209 -1.56 10.63 -10.07
N ALA A 210 -1.33 9.32 -10.13
CA ALA A 210 -0.24 8.75 -10.87
C ALA A 210 -0.77 8.04 -12.13
N VAL A 211 0.00 8.14 -13.20
CA VAL A 211 -0.31 7.50 -14.47
C VAL A 211 0.81 6.48 -14.76
N HIS A 212 1.00 6.12 -16.02
CA HIS A 212 2.01 5.12 -16.35
C HIS A 212 3.41 5.71 -16.17
N SER A 213 4.37 4.82 -15.96
CA SER A 213 5.78 5.19 -15.82
C SER A 213 6.03 6.22 -14.71
N PHE A 214 5.21 6.13 -13.64
CA PHE A 214 5.32 7.10 -12.56
C PHE A 214 6.67 7.09 -11.83
N THR A 215 7.45 6.01 -11.97
CA THR A 215 8.74 5.90 -11.29
C THR A 215 9.89 6.54 -12.03
N ASP A 216 9.68 7.03 -13.25
CA ASP A 216 10.77 7.54 -14.07
C ASP A 216 10.67 9.07 -14.24
N PRO A 217 11.63 9.82 -13.70
CA PRO A 217 11.65 11.28 -13.93
C PRO A 217 11.65 11.69 -15.41
N LEU A 218 12.14 10.83 -16.30
CA LEU A 218 12.05 11.05 -17.76
C LEU A 218 10.78 10.53 -18.45
N ALA A 219 9.79 10.08 -17.68
CA ALA A 219 8.56 9.52 -18.26
C ALA A 219 7.96 10.38 -19.37
N GLY A 220 7.95 11.69 -19.15
CA GLY A 220 7.44 12.66 -20.12
C GLY A 220 8.28 12.87 -21.37
N SER A 221 9.55 12.46 -21.34
CA SER A 221 10.47 12.66 -22.47
C SER A 221 10.19 11.81 -23.72
N HIS A 222 9.43 10.72 -23.59
CA HIS A 222 9.20 9.82 -24.73
C HIS A 222 8.16 10.34 -25.73
N GLY A 223 7.41 11.37 -25.35
CA GLY A 223 6.26 11.83 -26.14
C GLY A 223 5.15 10.78 -26.31
N ILE A 224 5.04 9.84 -25.35
CA ILE A 224 4.00 8.81 -25.36
C ILE A 224 2.90 9.25 -24.39
N PRO A 225 1.66 9.37 -24.88
CA PRO A 225 0.61 9.85 -23.96
C PRO A 225 0.33 8.84 -22.85
N GLY A 226 -0.02 9.35 -21.67
CA GLY A 226 -0.32 8.48 -20.51
C GLY A 226 0.87 8.20 -19.60
N LEU A 227 2.06 8.71 -19.95
CA LEU A 227 3.27 8.53 -19.18
C LEU A 227 3.71 9.84 -18.53
N ALA A 228 3.87 9.82 -17.21
CA ALA A 228 4.34 10.98 -16.47
C ALA A 228 4.93 10.50 -15.14
N TYR A 229 5.90 11.27 -14.64
CA TYR A 229 6.55 11.04 -13.37
C TYR A 229 5.71 11.50 -12.23
N ASP A 230 5.73 10.76 -11.14
CA ASP A 230 5.15 11.26 -9.89
C ASP A 230 6.03 10.80 -8.74
N ALA A 231 6.79 11.74 -8.18
CA ALA A 231 7.78 11.46 -7.14
C ALA A 231 7.13 10.86 -5.89
N THR A 232 5.92 11.32 -5.59
CA THR A 232 5.21 10.77 -4.43
C THR A 232 4.90 9.31 -4.61
N ALA A 233 4.35 8.96 -5.76
CA ALA A 233 4.12 7.55 -6.08
C ALA A 233 5.41 6.73 -6.15
N GLU A 234 6.48 7.31 -6.72
CA GLU A 234 7.78 6.62 -6.80
C GLU A 234 8.25 6.24 -5.40
N ALA A 235 8.28 7.23 -4.52
CA ALA A 235 8.72 7.02 -3.13
C ALA A 235 7.86 6.01 -2.38
N ARG A 236 6.56 6.20 -2.42
CA ARG A 236 5.67 5.31 -1.67
C ARG A 236 5.72 3.86 -2.18
N SER A 237 5.79 3.68 -3.50
CA SER A 237 5.85 2.33 -4.06
C SER A 237 7.17 1.65 -3.69
N TRP A 238 8.28 2.40 -3.75
CA TRP A 238 9.58 1.88 -3.37
C TRP A 238 9.59 1.48 -1.88
N THR A 239 8.99 2.31 -1.04
CA THR A 239 8.94 2.00 0.40
C THR A 239 8.11 0.73 0.61
N ALA A 240 6.98 0.60 -0.10
CA ALA A 240 6.15 -0.61 0.05
C ALA A 240 6.96 -1.86 -0.34
N MET A 241 7.72 -1.75 -1.43
CA MET A 241 8.60 -2.84 -1.88
C MET A 241 9.65 -3.20 -0.82
N CYS A 242 10.34 -2.18 -0.32
N CYS A 242 10.34 -2.19 -0.32
CA CYS A 242 11.36 -2.33 0.74
CA CYS A 242 11.35 -2.35 0.72
C CYS A 242 10.80 -3.01 1.98
C CYS A 242 10.81 -3.00 1.99
N ASN A 243 9.63 -2.56 2.40
CA ASN A 243 8.93 -3.19 3.53
C ASN A 243 8.61 -4.65 3.33
N LEU A 244 8.10 -5.00 2.16
CA LEU A 244 7.79 -6.38 1.85
C LEU A 244 9.05 -7.26 1.87
N PHE A 245 10.14 -6.79 1.27
CA PHE A 245 11.38 -7.53 1.29
C PHE A 245 11.94 -7.71 2.72
N SER A 246 11.87 -6.67 3.54
N SER A 246 11.86 -6.67 3.55
CA SER A 246 12.33 -6.76 4.93
CA SER A 246 12.34 -6.76 4.94
C SER A 246 11.49 -7.76 5.72
C SER A 246 11.50 -7.76 5.73
N GLU A 247 10.19 -7.73 5.51
CA GLU A 247 9.26 -8.70 6.14
C GLU A 247 9.59 -10.15 5.72
N LEU A 248 9.75 -10.38 4.44
CA LEU A 248 9.88 -11.75 3.93
C LEU A 248 11.30 -12.35 3.97
N PHE A 249 12.32 -11.52 3.80
CA PHE A 249 13.70 -11.97 3.93
C PHE A 249 14.22 -11.77 5.35
N GLY A 250 15.33 -12.44 5.65
CA GLY A 250 15.93 -12.41 7.01
C GLY A 250 15.02 -12.86 8.14
N GLY B 12 10.47 4.35 30.33
CA GLY B 12 9.84 3.11 29.77
C GLY B 12 8.46 3.27 29.13
N ALA B 13 7.40 3.12 29.93
CA ALA B 13 6.06 2.87 29.42
C ALA B 13 5.32 4.16 29.00
N MET B 14 4.34 4.01 28.12
CA MET B 14 3.48 5.11 27.72
C MET B 14 2.48 5.38 28.84
N THR B 15 1.93 6.60 28.87
CA THR B 15 0.93 6.96 29.87
C THR B 15 -0.39 7.28 29.19
N ALA B 16 -1.48 7.18 29.95
CA ALA B 16 -2.81 7.48 29.43
C ALA B 16 -3.60 8.21 30.50
N ARG B 17 -4.53 9.04 30.06
CA ARG B 17 -5.36 9.79 30.98
C ARG B 17 -6.71 10.00 30.33
N LYS B 18 -7.75 10.06 31.16
CA LYS B 18 -9.10 10.33 30.66
C LYS B 18 -9.24 11.79 30.26
N VAL B 19 -9.98 12.04 29.18
CA VAL B 19 -10.30 13.39 28.74
C VAL B 19 -11.81 13.51 28.58
N ASP B 20 -12.42 14.35 29.41
CA ASP B 20 -13.85 14.68 29.31
C ASP B 20 -14.08 15.73 28.24
N TYR B 21 -15.04 15.54 27.37
CA TYR B 21 -15.44 16.56 26.42
C TYR B 21 -16.91 16.39 26.08
N THR B 22 -17.49 17.36 25.39
CA THR B 22 -18.93 17.34 25.10
C THR B 22 -19.22 17.60 23.63
N ASP B 23 -20.34 17.06 23.18
CA ASP B 23 -20.92 17.40 21.90
C ASP B 23 -22.37 17.73 22.21
N GLY B 24 -22.68 19.02 22.31
CA GLY B 24 -24.02 19.46 22.77
C GLY B 24 -24.31 18.89 24.15
N ALA B 25 -25.41 18.15 24.29
CA ALA B 25 -25.80 17.54 25.56
C ALA B 25 -25.11 16.20 25.86
N THR B 26 -24.33 15.68 24.92
CA THR B 26 -23.70 14.37 25.13
C THR B 26 -22.32 14.58 25.74
N ARG B 27 -22.05 13.91 26.86
CA ARG B 27 -20.75 13.97 27.52
C ARG B 27 -19.94 12.76 27.08
N CYS B 28 -18.73 13.03 26.59
CA CYS B 28 -17.84 12.00 26.09
C CYS B 28 -16.60 11.86 27.00
N ILE B 29 -16.10 10.64 27.09
CA ILE B 29 -14.93 10.34 27.89
C ILE B 29 -13.94 9.57 27.04
N GLY B 30 -13.02 10.31 26.44
CA GLY B 30 -11.94 9.70 25.67
C GLY B 30 -10.73 9.36 26.52
N GLU B 31 -9.76 8.68 25.93
CA GLU B 31 -8.52 8.33 26.62
C GLU B 31 -7.35 8.80 25.78
N PHE B 32 -6.51 9.63 26.39
CA PHE B 32 -5.39 10.30 25.73
C PHE B 32 -4.09 9.61 26.12
N HIS B 33 -3.30 9.24 25.10
CA HIS B 33 -2.05 8.51 25.26
C HIS B 33 -0.88 9.32 24.78
N TRP B 34 0.16 9.38 25.61
CA TRP B 34 1.37 10.11 25.25
C TRP B 34 2.59 9.53 25.99
N ASP B 35 3.76 9.82 25.44
CA ASP B 35 5.05 9.47 26.08
C ASP B 35 5.50 10.64 26.98
N GLU B 36 5.47 10.44 28.30
CA GLU B 36 6.00 11.44 29.26
C GLU B 36 7.50 11.66 29.10
N GLY B 37 8.20 10.67 28.56
CA GLY B 37 9.63 10.80 28.26
C GLY B 37 9.97 11.81 27.18
N LYS B 38 9.01 12.13 26.33
CA LYS B 38 9.17 13.14 25.28
C LYS B 38 8.56 14.47 25.74
N SER B 39 9.29 15.55 25.53
CA SER B 39 8.84 16.86 25.98
C SER B 39 8.36 17.71 24.81
N GLY B 40 7.32 18.50 25.02
CA GLY B 40 6.90 19.51 24.06
C GLY B 40 5.84 19.05 23.06
N PRO B 41 5.37 19.97 22.22
CA PRO B 41 4.27 19.65 21.31
C PRO B 41 4.69 18.59 20.31
N ARG B 42 3.74 17.76 19.89
CA ARG B 42 4.04 16.70 18.93
C ARG B 42 2.80 16.43 18.10
N PRO B 43 2.94 15.71 16.97
CA PRO B 43 1.73 15.49 16.21
C PRO B 43 0.68 14.69 16.98
N GLY B 44 -0.58 15.07 16.77
CA GLY B 44 -1.73 14.44 17.41
C GLY B 44 -2.50 13.55 16.46
N VAL B 45 -3.00 12.41 16.97
CA VAL B 45 -3.85 11.52 16.19
C VAL B 45 -5.12 11.18 16.97
N VAL B 46 -6.28 11.38 16.34
N VAL B 46 -6.30 11.42 16.39
CA VAL B 46 -7.54 10.86 16.89
CA VAL B 46 -7.54 10.89 16.98
C VAL B 46 -7.71 9.44 16.42
C VAL B 46 -7.81 9.49 16.42
N VAL B 47 -8.08 8.55 17.33
CA VAL B 47 -8.30 7.14 17.01
C VAL B 47 -9.79 6.91 17.16
N PHE B 48 -10.48 6.67 16.06
CA PHE B 48 -11.89 6.35 16.09
C PHE B 48 -12.11 4.83 16.18
N PRO B 49 -12.82 4.36 17.23
CA PRO B 49 -13.02 2.92 17.35
C PRO B 49 -14.03 2.31 16.38
N GLU B 50 -14.10 0.98 16.42
CA GLU B 50 -15.21 0.27 15.78
C GLU B 50 -16.54 0.66 16.42
N ALA B 51 -17.62 0.23 15.75
CA ALA B 51 -19.00 0.53 16.16
C ALA B 51 -19.31 0.13 17.60
N PHE B 52 -18.64 -0.91 18.11
CA PHE B 52 -18.88 -1.37 19.49
C PHE B 52 -18.67 -0.22 20.47
N GLY B 53 -17.70 0.64 20.18
CA GLY B 53 -17.38 1.80 21.03
C GLY B 53 -15.95 1.78 21.51
N LEU B 54 -15.67 2.67 22.43
CA LEU B 54 -14.33 2.84 22.98
C LEU B 54 -13.93 1.61 23.80
N ASN B 55 -13.01 0.82 23.24
CA ASN B 55 -12.70 -0.50 23.79
C ASN B 55 -11.20 -0.75 23.85
N ASP B 56 -10.79 -1.92 24.31
CA ASP B 56 -9.39 -2.18 24.57
C ASP B 56 -8.62 -2.10 23.24
N HIS B 57 -9.22 -2.56 22.17
CA HIS B 57 -8.56 -2.55 20.85
C HIS B 57 -8.16 -1.11 20.47
N ALA B 58 -9.09 -0.19 20.62
CA ALA B 58 -8.81 1.20 20.23
C ALA B 58 -7.77 1.84 21.14
N LYS B 59 -7.88 1.56 22.44
CA LYS B 59 -6.93 2.09 23.40
C LYS B 59 -5.52 1.59 23.12
N GLU B 60 -5.39 0.31 22.73
CA GLU B 60 -4.07 -0.25 22.40
C GLU B 60 -3.44 0.42 21.18
N ARG B 61 -4.27 0.75 20.20
CA ARG B 61 -3.76 1.47 19.02
C ARG B 61 -3.29 2.88 19.38
N ALA B 62 -4.03 3.56 20.25
CA ALA B 62 -3.57 4.85 20.78
C ALA B 62 -2.23 4.70 21.53
N ARG B 63 -2.10 3.64 22.33
CA ARG B 63 -0.83 3.39 23.03
C ARG B 63 0.32 3.18 22.05
N ARG B 64 0.07 2.38 21.02
CA ARG B 64 1.09 2.14 20.00
C ARG B 64 1.50 3.42 19.29
N LEU B 65 0.53 4.29 19.02
CA LEU B 65 0.83 5.61 18.45
C LEU B 65 1.69 6.49 19.40
N ALA B 66 1.38 6.47 20.70
CA ALA B 66 2.23 7.21 21.67
C ALA B 66 3.69 6.68 21.62
N ASP B 67 3.84 5.38 21.49
CA ASP B 67 5.16 4.74 21.39
C ASP B 67 5.90 5.14 20.10
N LEU B 68 5.16 5.52 19.04
CA LEU B 68 5.76 6.07 17.82
C LEU B 68 6.05 7.56 17.88
N GLY B 69 5.80 8.21 19.03
CA GLY B 69 6.10 9.63 19.23
C GLY B 69 4.92 10.57 19.06
N PHE B 70 3.70 10.03 18.94
CA PHE B 70 2.52 10.86 18.74
C PHE B 70 1.78 11.07 20.07
N ALA B 71 0.89 12.05 20.06
CA ALA B 71 -0.09 12.20 21.15
C ALA B 71 -1.39 11.70 20.57
N ALA B 72 -2.02 10.72 21.22
CA ALA B 72 -3.16 10.03 20.58
C ALA B 72 -4.39 10.01 21.48
N LEU B 73 -5.54 10.43 20.94
CA LEU B 73 -6.81 10.34 21.68
C LEU B 73 -7.70 9.26 21.12
N ALA B 74 -7.93 8.25 21.93
CA ALA B 74 -8.94 7.23 21.63
C ALA B 74 -10.29 7.85 21.94
N ALA B 75 -11.07 8.06 20.86
CA ALA B 75 -12.31 8.83 20.91
C ALA B 75 -13.49 8.02 21.49
N ASP B 76 -14.39 8.74 22.17
CA ASP B 76 -15.68 8.20 22.60
C ASP B 76 -16.76 8.78 21.71
N MET B 77 -17.20 8.02 20.70
CA MET B 77 -18.28 8.52 19.81
C MET B 77 -19.64 8.43 20.45
N HIS B 78 -19.88 7.37 21.21
CA HIS B 78 -21.22 7.10 21.73
C HIS B 78 -21.62 7.97 22.90
N GLY B 79 -20.66 8.43 23.70
CA GLY B 79 -20.95 9.18 24.91
C GLY B 79 -20.98 8.27 26.11
N ASP B 80 -20.59 8.82 27.26
CA ASP B 80 -20.45 8.09 28.53
C ASP B 80 -19.55 6.84 28.44
N ALA B 81 -18.58 6.87 27.53
CA ALA B 81 -17.72 5.73 27.22
C ALA B 81 -18.50 4.41 26.97
N GLN B 82 -19.67 4.51 26.37
CA GLN B 82 -20.54 3.34 26.20
C GLN B 82 -19.97 2.36 25.19
N VAL B 83 -20.12 1.07 25.49
CA VAL B 83 -19.74 -0.01 24.60
C VAL B 83 -21.00 -0.86 24.38
N PHE B 84 -21.24 -1.24 23.13
CA PHE B 84 -22.34 -2.12 22.74
C PHE B 84 -21.78 -3.44 22.26
N ASP B 85 -22.54 -4.52 22.45
CA ASP B 85 -22.25 -5.79 21.76
C ASP B 85 -22.96 -5.84 20.41
N ALA B 86 -22.67 -6.87 19.63
CA ALA B 86 -23.26 -7.07 18.30
C ALA B 86 -24.79 -6.95 18.28
N ALA B 87 -25.43 -7.48 19.32
CA ALA B 87 -26.88 -7.48 19.44
C ALA B 87 -27.49 -6.08 19.56
N SER B 88 -26.88 -5.23 20.39
CA SER B 88 -27.49 -3.95 20.84
C SER B 88 -27.00 -2.71 20.08
N LEU B 89 -26.56 -2.90 18.83
CA LEU B 89 -25.63 -1.96 18.17
C LEU B 89 -26.28 -0.96 17.21
N SER B 90 -27.42 -1.33 16.62
CA SER B 90 -28.00 -0.59 15.48
C SER B 90 -28.53 0.79 15.88
N SER B 91 -29.10 0.85 17.10
CA SER B 91 -29.08 2.06 17.92
C SER B 91 -27.78 2.02 18.73
N THR B 92 -26.78 2.84 18.39
CA THR B 92 -26.97 4.09 17.68
C THR B 92 -26.24 4.22 16.32
N ILE B 93 -25.84 3.10 15.69
CA ILE B 93 -25.13 3.17 14.39
C ILE B 93 -25.98 3.72 13.24
N GLN B 94 -27.25 3.37 13.22
CA GLN B 94 -28.18 3.92 12.23
C GLN B 94 -28.44 5.37 12.50
N GLY B 95 -28.39 5.75 13.77
CA GLY B 95 -28.42 7.15 14.18
C GLY B 95 -27.40 8.00 13.43
N TYR B 96 -26.19 7.44 13.28
CA TYR B 96 -25.10 8.15 12.58
C TYR B 96 -25.34 8.16 11.07
N TYR B 97 -25.66 7.01 10.47
CA TYR B 97 -25.89 6.95 9.01
C TYR B 97 -27.09 7.79 8.56
N GLY B 98 -28.13 7.84 9.37
CA GLY B 98 -29.33 8.64 9.07
C GLY B 98 -29.21 10.13 9.39
N ASP B 99 -28.11 10.56 10.00
CA ASP B 99 -27.87 11.99 10.26
C ASP B 99 -26.37 12.23 10.27
N ARG B 100 -25.82 12.38 9.07
CA ARG B 100 -24.38 12.54 8.89
C ARG B 100 -23.83 13.85 9.46
N ALA B 101 -24.66 14.90 9.49
CA ALA B 101 -24.28 16.13 10.16
C ALA B 101 -24.01 15.92 11.65
N HIS B 102 -24.87 15.15 12.30
CA HIS B 102 -24.69 14.80 13.71
C HIS B 102 -23.42 13.94 13.91
N TRP B 103 -23.25 12.96 13.02
CA TRP B 103 -22.09 12.10 13.02
C TRP B 103 -20.80 12.91 12.94
N ARG B 104 -20.80 13.87 12.04
CA ARG B 104 -19.66 14.76 11.84
C ARG B 104 -19.36 15.65 13.05
N ARG B 105 -20.39 16.17 13.70
CA ARG B 105 -20.19 16.99 14.89
C ARG B 105 -19.57 16.16 15.99
N ARG B 106 -20.03 14.91 16.14
CA ARG B 106 -19.52 14.03 17.16
C ARG B 106 -18.02 13.73 16.94
N ALA B 107 -17.64 13.54 15.67
CA ALA B 107 -16.23 13.36 15.29
C ALA B 107 -15.40 14.62 15.52
N GLN B 108 -15.91 15.78 15.11
CA GLN B 108 -15.24 17.05 15.36
C GLN B 108 -14.99 17.31 16.85
N ALA B 109 -15.92 16.90 17.72
CA ALA B 109 -15.75 17.06 19.16
C ALA B 109 -14.52 16.31 19.65
N ALA B 110 -14.28 15.10 19.09
CA ALA B 110 -13.09 14.32 19.45
C ALA B 110 -11.84 15.04 18.96
N LEU B 111 -11.88 15.59 17.75
CA LEU B 111 -10.73 16.31 17.22
C LEU B 111 -10.41 17.56 18.05
N ASP B 112 -11.44 18.27 18.48
CA ASP B 112 -11.26 19.40 19.39
C ASP B 112 -10.67 18.97 20.73
N ALA B 113 -11.11 17.84 21.27
CA ALA B 113 -10.57 17.35 22.52
C ALA B 113 -9.08 16.99 22.39
N LEU B 114 -8.71 16.38 21.26
CA LEU B 114 -7.29 16.15 20.96
C LEU B 114 -6.47 17.45 20.95
N THR B 115 -6.94 18.41 20.18
CA THR B 115 -6.22 19.68 19.97
C THR B 115 -6.15 20.54 21.23
N ALA B 116 -7.11 20.35 22.13
CA ALA B 116 -7.08 20.95 23.48
C ALA B 116 -5.94 20.50 24.38
N GLN B 117 -5.27 19.37 24.09
CA GLN B 117 -4.26 18.87 25.00
C GLN B 117 -2.97 19.59 24.71
N PRO B 118 -2.26 20.06 25.77
CA PRO B 118 -1.05 20.87 25.50
C PRO B 118 0.14 20.16 24.85
N GLU B 119 0.13 18.83 24.88
CA GLU B 119 1.13 18.03 24.20
C GLU B 119 0.96 17.96 22.66
N VAL B 120 -0.18 18.44 22.14
CA VAL B 120 -0.48 18.36 20.73
C VAL B 120 -0.15 19.63 20.00
N ASP B 121 0.61 19.48 18.92
CA ASP B 121 0.82 20.51 17.91
C ASP B 121 -0.41 20.55 17.01
N GLY B 122 -1.23 21.59 17.20
CA GLY B 122 -2.53 21.68 16.50
C GLY B 122 -2.43 21.80 15.01
N SER B 123 -1.25 22.19 14.51
CA SER B 123 -1.02 22.27 13.08
C SER B 123 -0.72 20.91 12.45
N LYS B 124 -0.45 19.90 13.28
CA LYS B 124 -0.03 18.58 12.82
C LYS B 124 -0.92 17.51 13.45
N VAL B 125 -2.12 17.39 12.90
CA VAL B 125 -3.06 16.41 13.41
C VAL B 125 -3.55 15.47 12.32
N ALA B 126 -3.83 14.24 12.71
CA ALA B 126 -4.36 13.22 11.80
C ALA B 126 -5.46 12.42 12.50
N ALA B 127 -6.13 11.56 11.74
CA ALA B 127 -7.12 10.66 12.33
C ALA B 127 -7.01 9.31 11.72
N ILE B 128 -7.14 8.29 12.54
CA ILE B 128 -7.25 6.93 12.06
C ILE B 128 -8.54 6.35 12.57
N GLY B 129 -9.02 5.31 11.91
CA GLY B 129 -10.21 4.64 12.37
C GLY B 129 -10.42 3.25 11.85
N PHE B 130 -11.16 2.48 12.63
CA PHE B 130 -11.37 1.06 12.38
C PHE B 130 -12.84 0.82 12.17
N CYS B 131 -13.19 0.24 11.02
N CYS B 131 -13.20 0.26 11.02
CA CYS B 131 -14.57 -0.07 10.68
CA CYS B 131 -14.61 -0.01 10.67
C CYS B 131 -15.44 1.20 10.63
C CYS B 131 -15.46 1.24 10.62
N PHE B 132 -16.50 1.30 11.45
CA PHE B 132 -17.25 2.55 11.62
C PHE B 132 -16.34 3.75 11.88
N GLY B 133 -15.26 3.54 12.63
CA GLY B 133 -14.27 4.61 12.87
C GLY B 133 -13.54 5.05 11.63
N GLY B 134 -13.26 4.12 10.72
CA GLY B 134 -12.73 4.45 9.41
C GLY B 134 -13.69 5.32 8.61
N ALA B 135 -14.95 4.91 8.56
CA ALA B 135 -15.99 5.74 7.91
C ALA B 135 -16.06 7.13 8.56
N THR B 136 -15.90 7.18 9.89
CA THR B 136 -15.95 8.41 10.66
C THR B 136 -14.81 9.37 10.25
N CYS B 137 -13.61 8.82 10.04
CA CYS B 137 -12.48 9.62 9.55
C CYS B 137 -12.80 10.31 8.23
N LEU B 138 -13.41 9.57 7.31
CA LEU B 138 -13.74 10.13 6.01
C LEU B 138 -14.84 11.20 6.09
N GLU B 139 -15.87 10.96 6.91
CA GLU B 139 -16.88 11.98 7.19
C GLU B 139 -16.26 13.26 7.72
N LEU B 140 -15.37 13.10 8.70
CA LEU B 140 -14.71 14.26 9.29
C LEU B 140 -13.89 15.00 8.28
N ALA B 141 -13.10 14.26 7.46
CA ALA B 141 -12.30 14.91 6.44
C ALA B 141 -13.16 15.69 5.46
N ARG B 142 -14.32 15.15 5.12
CA ARG B 142 -15.24 15.82 4.19
C ARG B 142 -15.85 17.14 4.71
N THR B 143 -15.78 17.39 6.03
CA THR B 143 -16.14 18.71 6.58
C THR B 143 -15.08 19.80 6.28
N GLY B 144 -13.91 19.42 5.77
CA GLY B 144 -12.81 20.35 5.54
C GLY B 144 -11.95 20.53 6.75
N ALA B 145 -12.06 19.66 7.74
CA ALA B 145 -11.24 19.78 8.92
C ALA B 145 -9.74 19.82 8.56
N PRO B 146 -8.93 20.56 9.33
CA PRO B 146 -7.52 20.74 8.98
C PRO B 146 -6.61 19.57 9.40
N LEU B 147 -6.94 18.40 8.87
CA LEU B 147 -6.20 17.20 9.10
C LEU B 147 -5.08 17.06 8.06
N THR B 148 -3.91 16.65 8.52
CA THR B 148 -2.80 16.29 7.64
C THR B 148 -3.06 14.96 6.88
N ALA B 149 -3.64 14.01 7.58
CA ALA B 149 -3.84 12.68 7.03
C ALA B 149 -5.01 12.02 7.72
N ILE B 150 -5.74 11.21 6.97
CA ILE B 150 -6.55 10.15 7.57
C ILE B 150 -6.11 8.78 7.07
N VAL B 151 -6.27 7.77 7.93
CA VAL B 151 -6.03 6.39 7.56
C VAL B 151 -7.22 5.54 8.05
N THR B 152 -7.85 4.83 7.13
CA THR B 152 -8.95 3.96 7.47
C THR B 152 -8.48 2.52 7.43
N PHE B 153 -8.95 1.73 8.39
CA PHE B 153 -8.66 0.32 8.44
C PHE B 153 -9.99 -0.39 8.37
N HIS B 154 -10.18 -1.20 7.32
CA HIS B 154 -11.45 -1.89 7.07
C HIS B 154 -12.66 -1.02 7.39
N GLY B 155 -12.62 0.19 6.88
CA GLY B 155 -13.73 1.13 6.97
C GLY B 155 -14.87 0.89 6.00
N GLY B 156 -16.09 0.95 6.53
CA GLY B 156 -17.29 0.81 5.72
C GLY B 156 -17.65 2.18 5.22
N LEU B 157 -16.92 2.63 4.22
CA LEU B 157 -16.98 3.99 3.73
C LEU B 157 -18.32 4.25 3.04
N LEU B 158 -18.79 5.49 3.13
CA LEU B 158 -19.99 5.96 2.41
C LEU B 158 -19.61 6.84 1.23
N PRO B 159 -20.41 6.83 0.15
CA PRO B 159 -20.27 7.90 -0.83
C PRO B 159 -20.52 9.27 -0.18
N GLU B 160 -19.96 10.31 -0.77
CA GLU B 160 -20.04 11.65 -0.21
C GLU B 160 -21.48 12.20 -0.23
N MET B 161 -21.73 13.21 0.59
CA MET B 161 -22.95 14.01 0.53
C MET B 161 -22.83 15.12 -0.49
N ALA B 162 -23.95 15.51 -1.10
CA ALA B 162 -23.99 16.73 -1.92
C ALA B 162 -23.42 17.89 -1.09
N GLY B 163 -22.51 18.63 -1.68
CA GLY B 163 -21.81 19.73 -1.01
C GLY B 163 -20.44 19.37 -0.44
N ASP B 164 -20.08 18.09 -0.43
CA ASP B 164 -18.76 17.65 0.07
C ASP B 164 -17.61 17.88 -0.92
N ALA B 165 -17.90 18.08 -2.20
CA ALA B 165 -16.85 18.11 -3.22
C ALA B 165 -15.78 19.16 -2.91
N GLY B 166 -14.52 18.77 -3.03
CA GLY B 166 -13.39 19.68 -2.89
C GLY B 166 -12.95 19.97 -1.46
N ARG B 167 -13.66 19.42 -0.47
CA ARG B 167 -13.41 19.84 0.91
C ARG B 167 -12.30 19.10 1.63
N ILE B 168 -11.94 17.89 1.19
CA ILE B 168 -10.94 17.14 1.92
C ILE B 168 -9.60 17.85 1.81
N GLN B 169 -8.99 18.15 2.95
N GLN B 169 -9.02 18.17 2.98
CA GLN B 169 -7.65 18.76 2.98
CA GLN B 169 -7.69 18.82 3.11
C GLN B 169 -6.54 17.79 3.29
C GLN B 169 -6.55 17.81 3.35
N SER B 170 -6.89 16.61 3.81
CA SER B 170 -5.91 15.65 4.25
C SER B 170 -5.46 14.74 3.15
N SER B 171 -4.26 14.19 3.32
N SER B 171 -4.27 14.18 3.32
CA SER B 171 -3.90 12.94 2.64
CA SER B 171 -3.91 12.96 2.62
C SER B 171 -4.87 11.86 3.07
C SER B 171 -4.86 11.85 3.08
N VAL B 172 -5.11 10.88 2.20
CA VAL B 172 -6.03 9.78 2.51
C VAL B 172 -5.33 8.47 2.17
N LEU B 173 -5.27 7.58 3.16
CA LEU B 173 -4.86 6.18 2.92
C LEU B 173 -6.00 5.26 3.38
N VAL B 174 -6.54 4.49 2.45
CA VAL B 174 -7.63 3.53 2.75
C VAL B 174 -6.99 2.13 2.74
N CYS B 175 -7.02 1.44 3.89
CA CYS B 175 -6.49 0.07 3.97
C CYS B 175 -7.71 -0.83 4.00
N HIS B 176 -7.89 -1.60 2.92
CA HIS B 176 -9.11 -2.34 2.64
C HIS B 176 -8.82 -3.84 2.58
N GLY B 177 -9.63 -4.63 3.28
CA GLY B 177 -9.58 -6.07 3.15
C GLY B 177 -10.20 -6.45 1.82
N ALA B 178 -9.40 -7.04 0.94
CA ALA B 178 -9.82 -7.28 -0.44
C ALA B 178 -11.03 -8.19 -0.57
N ASP B 179 -11.26 -9.03 0.43
CA ASP B 179 -12.39 -9.99 0.41
C ASP B 179 -13.49 -9.58 1.38
N ASP B 180 -13.45 -8.34 1.87
CA ASP B 180 -14.42 -7.85 2.85
C ASP B 180 -15.83 -7.81 2.22
N PRO B 181 -16.77 -8.63 2.72
CA PRO B 181 -18.10 -8.71 2.09
C PRO B 181 -19.02 -7.58 2.50
N LEU B 182 -18.61 -6.74 3.46
CA LEU B 182 -19.48 -5.71 3.96
C LEU B 182 -19.32 -4.39 3.20
N VAL B 183 -18.33 -4.32 2.31
CA VAL B 183 -18.06 -3.12 1.53
C VAL B 183 -18.18 -3.47 0.05
N GLN B 184 -19.09 -2.81 -0.66
CA GLN B 184 -19.37 -3.14 -2.07
C GLN B 184 -18.35 -2.49 -3.03
N ASP B 185 -18.02 -3.19 -4.10
CA ASP B 185 -17.06 -2.71 -5.12
C ASP B 185 -17.43 -1.34 -5.66
N GLU B 186 -18.73 -1.17 -5.89
CA GLU B 186 -19.30 0.04 -6.44
C GLU B 186 -19.02 1.22 -5.51
N THR B 187 -19.08 0.98 -4.20
CA THR B 187 -18.80 2.02 -3.21
C THR B 187 -17.33 2.42 -3.28
N MET B 188 -16.42 1.44 -3.29
CA MET B 188 -14.99 1.71 -3.38
C MET B 188 -14.66 2.51 -4.63
N LYS B 189 -15.23 2.11 -5.76
CA LYS B 189 -15.03 2.82 -7.03
C LYS B 189 -15.54 4.25 -6.96
N ALA B 190 -16.74 4.44 -6.41
CA ALA B 190 -17.31 5.78 -6.26
C ALA B 190 -16.41 6.67 -5.39
N VAL B 191 -15.94 6.14 -4.26
CA VAL B 191 -15.09 6.94 -3.38
C VAL B 191 -13.76 7.29 -4.04
N MET B 192 -13.14 6.33 -4.71
CA MET B 192 -11.89 6.59 -5.45
C MET B 192 -12.13 7.65 -6.52
N ASP B 193 -13.26 7.59 -7.20
CA ASP B 193 -13.61 8.60 -8.23
C ASP B 193 -13.79 10.01 -7.66
N GLU B 194 -14.28 10.10 -6.41
CA GLU B 194 -14.31 11.39 -5.71
C GLU B 194 -12.90 11.91 -5.49
N PHE B 195 -12.03 11.03 -5.00
CA PHE B 195 -10.65 11.41 -4.75
C PHE B 195 -9.94 11.88 -6.05
N ARG B 196 -10.17 11.14 -7.13
N ARG B 196 -10.16 11.13 -7.13
CA ARG B 196 -9.64 11.49 -8.45
CA ARG B 196 -9.65 11.47 -8.47
C ARG B 196 -10.12 12.86 -8.91
C ARG B 196 -10.12 12.85 -8.94
N ARG B 197 -11.44 13.06 -8.86
CA ARG B 197 -12.07 14.33 -9.26
C ARG B 197 -11.43 15.54 -8.55
N ASP B 198 -11.20 15.40 -7.25
CA ASP B 198 -10.72 16.49 -6.40
C ASP B 198 -9.23 16.53 -6.27
N LYS B 199 -8.54 15.57 -6.87
CA LYS B 199 -7.09 15.44 -6.80
C LYS B 199 -6.56 15.41 -5.37
N VAL B 200 -7.28 14.68 -4.52
CA VAL B 200 -6.85 14.41 -3.15
C VAL B 200 -5.53 13.63 -3.25
N ASP B 201 -4.63 13.84 -2.30
CA ASP B 201 -3.46 12.98 -2.15
C ASP B 201 -3.91 11.65 -1.53
N TRP B 202 -4.23 10.68 -2.38
CA TRP B 202 -4.86 9.46 -1.95
C TRP B 202 -4.10 8.18 -2.31
N GLN B 203 -4.32 7.16 -1.47
CA GLN B 203 -3.94 5.78 -1.78
C GLN B 203 -5.02 4.84 -1.31
N VAL B 204 -5.19 3.73 -2.02
CA VAL B 204 -5.97 2.60 -1.52
C VAL B 204 -5.11 1.36 -1.57
N LEU B 205 -4.96 0.68 -0.41
CA LEU B 205 -4.18 -0.52 -0.30
C LEU B 205 -5.15 -1.66 -0.09
N TYR B 206 -5.27 -2.49 -1.12
CA TYR B 206 -6.01 -3.72 -1.07
C TYR B 206 -5.17 -4.82 -0.48
N LEU B 207 -5.67 -5.40 0.60
CA LEU B 207 -4.96 -6.45 1.31
C LEU B 207 -5.60 -7.80 1.04
N GLY B 208 -4.90 -8.65 0.30
CA GLY B 208 -5.46 -9.93 -0.08
C GLY B 208 -5.73 -10.80 1.14
N ASN B 209 -6.76 -11.64 1.03
CA ASN B 209 -7.10 -12.66 2.02
C ASN B 209 -7.65 -12.08 3.30
N ALA B 210 -7.93 -10.79 3.31
CA ALA B 210 -8.44 -10.09 4.49
C ALA B 210 -9.91 -9.70 4.29
N VAL B 211 -10.67 -9.80 5.37
CA VAL B 211 -12.09 -9.45 5.36
C VAL B 211 -12.27 -8.28 6.33
N HIS B 212 -13.47 -8.08 6.86
CA HIS B 212 -13.72 -6.98 7.78
C HIS B 212 -13.05 -7.24 9.13
N SER B 213 -12.75 -6.15 9.83
CA SER B 213 -12.16 -6.21 11.17
C SER B 213 -10.84 -6.96 11.20
N PHE B 214 -10.10 -6.88 10.09
CA PHE B 214 -8.83 -7.64 9.99
C PHE B 214 -7.77 -7.24 11.03
N THR B 215 -7.91 -6.08 11.64
CA THR B 215 -6.94 -5.62 12.64
C THR B 215 -7.17 -6.14 14.05
N ASP B 216 -8.27 -6.84 14.32
CA ASP B 216 -8.64 -7.22 15.67
C ASP B 216 -8.52 -8.72 15.86
N PRO B 217 -7.56 -9.17 16.69
CA PRO B 217 -7.48 -10.62 16.98
C PRO B 217 -8.78 -11.27 17.50
N LEU B 218 -9.67 -10.49 18.10
CA LEU B 218 -11.01 -10.94 18.51
C LEU B 218 -12.11 -10.80 17.47
N ALA B 219 -11.76 -10.44 16.23
CA ALA B 219 -12.76 -10.22 15.18
C ALA B 219 -13.80 -11.35 15.06
N GLY B 220 -13.32 -12.58 15.19
CA GLY B 220 -14.17 -13.77 15.13
C GLY B 220 -15.05 -14.01 16.35
N SER B 221 -14.75 -13.38 17.48
CA SER B 221 -15.50 -13.56 18.72
C SER B 221 -16.93 -12.99 18.72
N HIS B 222 -17.25 -12.06 17.82
CA HIS B 222 -18.57 -11.41 17.82
C HIS B 222 -19.69 -12.28 17.22
N GLY B 223 -19.34 -13.36 16.53
CA GLY B 223 -20.29 -14.14 15.76
C GLY B 223 -20.97 -13.37 14.62
N ILE B 224 -20.31 -12.33 14.10
CA ILE B 224 -20.84 -11.54 12.98
C ILE B 224 -20.17 -12.01 11.70
N PRO B 225 -20.95 -12.42 10.69
CA PRO B 225 -20.30 -12.93 9.48
C PRO B 225 -19.51 -11.85 8.75
N GLY B 226 -18.40 -12.24 8.13
CA GLY B 226 -17.56 -11.30 7.39
C GLY B 226 -16.44 -10.66 8.18
N LEU B 227 -16.34 -10.98 9.48
CA LEU B 227 -15.31 -10.44 10.34
C LEU B 227 -14.31 -11.53 10.73
N ALA B 228 -13.04 -11.27 10.50
CA ALA B 228 -11.95 -12.19 10.88
C ALA B 228 -10.66 -11.43 10.94
N TYR B 229 -9.77 -11.89 11.81
CA TYR B 229 -8.46 -11.32 11.99
C TYR B 229 -7.55 -11.77 10.87
N ASP B 230 -6.64 -10.90 10.45
CA ASP B 230 -5.52 -11.32 9.64
C ASP B 230 -4.31 -10.51 10.05
N ALA B 231 -3.37 -11.18 10.71
CA ALA B 231 -2.18 -10.55 11.25
C ALA B 231 -1.31 -9.92 10.17
N THR B 232 -1.24 -10.55 9.01
CA THR B 232 -0.46 -9.98 7.88
C THR B 232 -1.02 -8.65 7.44
N ALA B 233 -2.33 -8.61 7.23
CA ALA B 233 -3.00 -7.36 6.89
C ALA B 233 -2.89 -6.30 8.02
N GLU B 234 -3.01 -6.73 9.28
CA GLU B 234 -2.85 -5.80 10.41
C GLU B 234 -1.47 -5.13 10.35
N ALA B 235 -0.44 -5.96 10.25
CA ALA B 235 0.95 -5.45 10.21
C ALA B 235 1.23 -4.53 9.04
N ARG B 236 0.85 -4.99 7.84
CA ARG B 236 1.10 -4.20 6.63
C ARG B 236 0.35 -2.87 6.63
N SER B 237 -0.91 -2.87 7.09
CA SER B 237 -1.68 -1.64 7.12
C SER B 237 -1.08 -0.65 8.15
N TRP B 238 -0.64 -1.17 9.31
CA TRP B 238 -0.05 -0.35 10.34
C TRP B 238 1.26 0.25 9.85
N THR B 239 2.05 -0.54 9.14
CA THR B 239 3.30 -0.05 8.57
C THR B 239 3.02 1.05 7.53
N ALA B 240 2.01 0.85 6.68
CA ALA B 240 1.66 1.87 5.67
C ALA B 240 1.25 3.19 6.34
N MET B 241 0.46 3.08 7.42
CA MET B 241 0.08 4.24 8.22
C MET B 241 1.29 4.97 8.82
N CYS B 242 2.18 4.21 9.46
N CYS B 242 2.18 4.20 9.42
CA CYS B 242 3.41 4.72 10.04
CA CYS B 242 3.39 4.72 10.04
C CYS B 242 4.28 5.46 9.03
C CYS B 242 4.26 5.47 9.02
N ASN B 243 4.44 4.85 7.86
CA ASN B 243 5.19 5.48 6.76
C ASN B 243 4.57 6.80 6.29
N LEU B 244 3.24 6.83 6.14
CA LEU B 244 2.57 8.05 5.74
C LEU B 244 2.77 9.18 6.80
N PHE B 245 2.62 8.85 8.08
CA PHE B 245 2.83 9.84 9.13
C PHE B 245 4.28 10.35 9.16
N SER B 246 5.25 9.45 8.98
N SER B 246 5.24 9.45 8.99
CA SER B 246 6.66 9.85 8.96
CA SER B 246 6.66 9.83 8.96
C SER B 246 6.96 10.77 7.78
C SER B 246 6.93 10.77 7.78
N GLU B 247 6.40 10.44 6.62
CA GLU B 247 6.52 11.27 5.40
C GLU B 247 5.93 12.67 5.60
N LEU B 248 4.72 12.74 6.14
CA LEU B 248 4.01 14.01 6.24
C LEU B 248 4.34 14.89 7.46
N PHE B 249 4.63 14.28 8.60
CA PHE B 249 5.03 15.01 9.79
C PHE B 249 6.55 15.14 9.89
N GLY B 250 6.99 16.05 10.74
CA GLY B 250 8.44 16.33 10.92
C GLY B 250 9.23 16.73 9.67
MG MG C . -0.12 -19.95 -2.22
CL CL D . 4.68 -6.05 12.95
MG MG E . -6.27 18.94 -2.36
#